data_5Q0Y
#
_entry.id   5Q0Y
#
_cell.length_a   72.370
_cell.length_b   84.480
_cell.length_c   189.680
_cell.angle_alpha   90.000
_cell.angle_beta   90.000
_cell.angle_gamma   90.000
#
_symmetry.space_group_name_H-M   'C 2 2 21'
#
loop_
_entity.id
_entity.type
_entity.pdbx_description
1 polymer 'Bile acid receptor'
2 polymer 'COACTIVATOR PEPTIDE SRC-1 HD3'
3 non-polymer (2S)-N,2-dicyclohexyl-2-{5,6-difluoro-2-[6-(1H-pyrazol-1-yl)pyridin-3-yl]-1H-benzimidazol-1-yl}acetamide
4 water water
#
loop_
_entity_poly.entity_id
_entity_poly.type
_entity_poly.pdbx_seq_one_letter_code
_entity_poly.pdbx_strand_id
1 'polypeptide(L)'
;GSHMELTPDQQTLLHFIMDSYNKQRMPQEITNKILKEAFSAEENFLILTEMATNHVQVLVEFTKKLPGFQTLDHEDQIAL
LKGSAVEAMFLRSAEIFNKKLPSGHSDLLEARIRNSGISDEYITPMFSFYKSIGELKMTQEEYALLTAIVILSPDRQYIK
DREAVEKLQEPLLDVLQKLCKIHQPENPQHFACLLGRLTELRTFNHHHAEMLMSWRVNDHKFTPLLCEIWDVQ
;
A,C
2 'polypeptide(L)' KDHQLLRYLLDKDE B,D
#
# COMPACT_ATOMS: atom_id res chain seq x y z
N MET A 4 43.42 23.93 3.52
CA MET A 4 42.16 23.58 2.88
C MET A 4 42.18 22.13 2.37
N GLU A 5 43.23 21.76 1.59
CA GLU A 5 43.50 20.44 1.02
C GLU A 5 43.80 19.43 2.13
N LEU A 6 43.52 18.13 1.90
CA LEU A 6 43.83 17.09 2.89
C LEU A 6 45.35 16.84 2.89
N THR A 7 45.89 16.52 4.06
CA THR A 7 47.32 16.23 4.22
C THR A 7 47.55 14.75 3.85
N PRO A 8 48.82 14.28 3.64
CA PRO A 8 49.03 12.84 3.37
C PRO A 8 48.49 11.95 4.49
N ASP A 9 48.60 12.38 5.77
CA ASP A 9 48.09 11.66 6.93
C ASP A 9 46.57 11.54 6.89
N GLN A 10 45.88 12.60 6.44
CA GLN A 10 44.43 12.61 6.38
C GLN A 10 43.94 11.72 5.25
N GLN A 11 44.63 11.77 4.08
CA GLN A 11 44.31 10.94 2.93
C GLN A 11 44.45 9.46 3.26
N THR A 12 45.47 9.12 4.08
CA THR A 12 45.74 7.76 4.56
C THR A 12 44.61 7.32 5.50
N LEU A 13 44.21 8.21 6.42
CA LEU A 13 43.13 7.96 7.37
C LEU A 13 41.83 7.70 6.60
N LEU A 14 41.52 8.58 5.64
CA LEU A 14 40.35 8.51 4.80
C LEU A 14 40.26 7.19 4.00
N HIS A 15 41.32 6.77 3.30
CA HIS A 15 41.26 5.51 2.53
C HIS A 15 41.10 4.29 3.44
N PHE A 16 41.77 4.30 4.60
CA PHE A 16 41.68 3.23 5.59
C PHE A 16 40.23 3.09 6.12
N ILE A 17 39.56 4.23 6.35
CA ILE A 17 38.18 4.24 6.81
C ILE A 17 37.23 3.83 5.68
N MET A 18 37.54 4.23 4.45
CA MET A 18 36.74 3.84 3.29
C MET A 18 36.75 2.34 3.08
N ASP A 19 37.93 1.71 3.17
CA ASP A 19 38.12 0.26 3.02
C ASP A 19 37.35 -0.56 4.04
N SER A 20 37.34 -0.12 5.31
CA SER A 20 36.61 -0.81 6.38
C SER A 20 35.10 -0.63 6.19
N TYR A 21 34.69 0.57 5.74
CA TYR A 21 33.28 0.90 5.49
C TYR A 21 32.68 0.08 4.36
N ASN A 22 33.49 -0.20 3.32
CA ASN A 22 33.08 -0.96 2.13
C ASN A 22 32.86 -2.45 2.39
N LYS A 23 33.28 -2.96 3.57
CA LYS A 23 33.07 -4.35 4.00
C LYS A 23 31.59 -4.65 4.33
N GLN A 24 30.76 -3.62 4.42
CA GLN A 24 29.32 -3.73 4.70
C GLN A 24 28.57 -4.40 3.53
N ARG A 25 27.43 -5.02 3.84
CA ARG A 25 26.54 -5.67 2.86
C ARG A 25 26.17 -4.61 1.80
N MET A 26 26.36 -4.95 0.52
CA MET A 26 26.12 -4.06 -0.62
C MET A 26 24.69 -3.52 -0.71
N PRO A 27 24.52 -2.21 -1.01
CA PRO A 27 23.15 -1.63 -1.11
C PRO A 27 22.25 -2.35 -2.10
N GLN A 28 22.79 -2.67 -3.29
CA GLN A 28 22.12 -3.39 -4.37
C GLN A 28 21.55 -4.72 -3.92
N GLU A 29 22.28 -5.48 -3.07
CA GLU A 29 21.86 -6.76 -2.50
C GLU A 29 20.54 -6.59 -1.75
N ILE A 30 20.48 -5.55 -0.89
CA ILE A 30 19.34 -5.20 -0.05
C ILE A 30 18.12 -4.75 -0.87
N THR A 31 18.30 -3.77 -1.78
CA THR A 31 17.20 -3.24 -2.60
C THR A 31 16.67 -4.26 -3.59
N ASN A 32 17.54 -5.17 -4.11
CA ASN A 32 17.10 -6.23 -5.03
C ASN A 32 16.06 -7.12 -4.35
N LYS A 33 16.32 -7.49 -3.08
CA LYS A 33 15.44 -8.35 -2.30
C LYS A 33 14.05 -7.72 -2.06
N ILE A 34 14.03 -6.42 -1.68
CA ILE A 34 12.81 -5.67 -1.40
C ILE A 34 12.04 -5.40 -2.70
N LEU A 35 12.75 -5.08 -3.81
CA LEU A 35 12.12 -4.75 -5.08
C LEU A 35 11.58 -5.95 -5.87
N LYS A 36 12.22 -7.13 -5.76
CA LYS A 36 11.87 -8.35 -6.48
C LYS A 36 10.43 -8.82 -6.25
N GLU A 37 10.01 -8.87 -4.99
CA GLU A 37 8.68 -9.34 -4.60
C GLU A 37 8.22 -8.70 -3.30
N ALA A 38 6.91 -8.71 -3.05
CA ALA A 38 6.31 -8.18 -1.83
C ALA A 38 6.25 -9.30 -0.80
N PHE A 39 6.54 -8.97 0.46
CA PHE A 39 6.52 -9.93 1.55
C PHE A 39 5.49 -9.54 2.58
N SER A 40 5.05 -10.50 3.39
CA SER A 40 4.10 -10.20 4.46
C SER A 40 4.85 -9.40 5.54
N ALA A 41 4.11 -8.83 6.51
CA ALA A 41 4.69 -8.06 7.63
C ALA A 41 5.58 -8.98 8.49
N GLU A 42 5.20 -10.28 8.57
CA GLU A 42 5.92 -11.31 9.31
C GLU A 42 7.28 -11.59 8.64
N GLU A 43 7.28 -11.74 7.30
CA GLU A 43 8.50 -12.00 6.53
C GLU A 43 9.43 -10.78 6.57
N ASN A 44 8.83 -9.57 6.52
CA ASN A 44 9.58 -8.31 6.56
C ASN A 44 10.25 -8.07 7.91
N PHE A 45 9.60 -8.51 9.01
CA PHE A 45 10.16 -8.37 10.35
C PHE A 45 11.42 -9.21 10.48
N LEU A 46 11.39 -10.45 9.95
CA LEU A 46 12.48 -11.42 9.93
C LEU A 46 13.63 -10.91 9.05
N ILE A 47 13.31 -10.27 7.89
CA ILE A 47 14.31 -9.68 7.00
C ILE A 47 15.03 -8.57 7.78
N LEU A 48 14.26 -7.71 8.49
CA LEU A 48 14.84 -6.63 9.27
C LEU A 48 15.80 -7.12 10.37
N THR A 49 15.40 -8.13 11.14
CA THR A 49 16.23 -8.64 12.24
C THR A 49 17.53 -9.30 11.73
N GLU A 50 17.47 -10.01 10.59
CA GLU A 50 18.66 -10.62 10.00
C GLU A 50 19.56 -9.51 9.44
N MET A 51 18.97 -8.52 8.74
CA MET A 51 19.71 -7.37 8.21
C MET A 51 20.44 -6.61 9.32
N ALA A 52 19.72 -6.33 10.42
CA ALA A 52 20.24 -5.57 11.56
C ALA A 52 21.28 -6.35 12.35
N THR A 53 21.17 -7.70 12.38
CA THR A 53 22.15 -8.55 13.06
C THR A 53 23.47 -8.48 12.30
N ASN A 54 23.42 -8.59 10.96
CA ASN A 54 24.62 -8.54 10.12
C ASN A 54 25.24 -7.15 10.23
N HIS A 55 24.42 -6.10 10.23
CA HIS A 55 24.85 -4.72 10.36
C HIS A 55 25.66 -4.49 11.63
N VAL A 56 25.16 -4.96 12.80
CA VAL A 56 25.86 -4.79 14.09
C VAL A 56 27.19 -5.55 14.06
N GLN A 57 27.20 -6.79 13.53
CA GLN A 57 28.42 -7.60 13.43
C GLN A 57 29.49 -6.87 12.64
N VAL A 58 29.14 -6.29 11.48
CA VAL A 58 30.09 -5.57 10.62
C VAL A 58 30.46 -4.22 11.27
N LEU A 59 29.50 -3.60 11.98
CA LEU A 59 29.73 -2.34 12.67
C LEU A 59 30.79 -2.50 13.76
N VAL A 60 30.77 -3.63 14.50
CA VAL A 60 31.76 -3.90 15.56
C VAL A 60 33.15 -4.03 14.91
N GLU A 61 33.24 -4.70 13.74
CA GLU A 61 34.49 -4.87 13.00
C GLU A 61 35.02 -3.53 12.50
N PHE A 62 34.13 -2.66 11.99
CA PHE A 62 34.48 -1.30 11.51
C PHE A 62 34.99 -0.42 12.69
N THR A 63 34.28 -0.48 13.82
CA THR A 63 34.56 0.27 15.04
C THR A 63 35.95 -0.08 15.59
N LYS A 64 36.27 -1.38 15.64
CA LYS A 64 37.58 -1.89 16.09
C LYS A 64 38.74 -1.33 15.26
N LYS A 65 38.52 -1.08 13.98
CA LYS A 65 39.54 -0.54 13.07
C LYS A 65 39.67 0.99 13.15
N LEU A 66 38.75 1.70 13.85
CA LEU A 66 38.84 3.15 13.98
C LEU A 66 40.09 3.47 14.80
N PRO A 67 41.00 4.36 14.28
CA PRO A 67 42.24 4.66 15.03
C PRO A 67 42.02 5.10 16.46
N GLY A 68 42.73 4.43 17.35
CA GLY A 68 42.69 4.66 18.79
C GLY A 68 41.57 3.95 19.52
N PHE A 69 40.58 3.37 18.82
CA PHE A 69 39.46 2.70 19.50
C PHE A 69 39.89 1.63 20.51
N GLN A 70 40.90 0.83 20.15
CA GLN A 70 41.37 -0.25 21.00
C GLN A 70 42.14 0.24 22.22
N THR A 71 42.53 1.55 22.25
CA THR A 71 43.23 2.16 23.38
C THR A 71 42.23 2.67 24.43
N LEU A 72 40.93 2.65 24.10
CA LEU A 72 39.91 3.10 25.03
C LEU A 72 39.59 2.04 26.07
N ASP A 73 39.13 2.51 27.26
CA ASP A 73 38.67 1.67 28.37
C ASP A 73 37.57 0.75 27.83
N HIS A 74 37.64 -0.55 28.16
CA HIS A 74 36.72 -1.58 27.66
C HIS A 74 35.25 -1.29 27.91
N GLU A 75 34.91 -0.67 29.05
CA GLU A 75 33.54 -0.32 29.38
C GLU A 75 33.06 0.84 28.51
N ASP A 76 33.95 1.78 28.18
CA ASP A 76 33.65 2.91 27.30
C ASP A 76 33.46 2.42 25.86
N GLN A 77 34.21 1.38 25.46
CA GLN A 77 34.11 0.75 24.14
C GLN A 77 32.70 0.18 23.92
N ILE A 78 32.18 -0.55 24.92
CA ILE A 78 30.82 -1.14 24.91
C ILE A 78 29.79 -0.01 24.86
N ALA A 79 29.98 1.04 25.68
CA ALA A 79 29.07 2.19 25.77
C ALA A 79 28.95 2.96 24.44
N LEU A 80 30.08 3.13 23.72
CA LEU A 80 30.11 3.78 22.40
C LEU A 80 29.38 2.92 21.37
N LEU A 81 29.63 1.62 21.40
CA LEU A 81 28.98 0.68 20.47
C LEU A 81 27.49 0.60 20.69
N LYS A 82 27.07 0.41 21.94
CA LYS A 82 25.67 0.38 22.33
C LYS A 82 24.96 1.72 22.05
N GLY A 83 25.68 2.83 22.26
CA GLY A 83 25.10 4.15 22.05
C GLY A 83 24.92 4.55 20.60
N SER A 84 25.65 3.90 19.67
CA SER A 84 25.65 4.30 18.25
C SER A 84 25.03 3.32 17.26
N ALA A 85 24.81 2.06 17.66
CA ALA A 85 24.33 0.98 16.78
C ALA A 85 23.07 1.31 15.98
N VAL A 86 22.01 1.79 16.65
CA VAL A 86 20.73 2.12 16.03
C VAL A 86 20.89 3.32 15.07
N GLU A 87 21.59 4.35 15.49
CA GLU A 87 21.85 5.55 14.68
C GLU A 87 22.62 5.16 13.42
N ALA A 88 23.67 4.31 13.56
CA ALA A 88 24.46 3.83 12.42
C ALA A 88 23.61 3.01 11.46
N MET A 89 22.67 2.24 12.02
CA MET A 89 21.71 1.44 11.25
C MET A 89 20.81 2.35 10.41
N PHE A 90 20.23 3.41 11.01
CA PHE A 90 19.38 4.35 10.27
C PHE A 90 20.19 5.18 9.28
N LEU A 91 21.45 5.52 9.60
CA LEU A 91 22.30 6.27 8.67
C LEU A 91 22.59 5.42 7.44
N ARG A 92 22.90 4.13 7.64
CA ARG A 92 23.16 3.20 6.55
C ARG A 92 21.89 2.97 5.71
N SER A 93 20.71 2.87 6.36
CA SER A 93 19.42 2.70 5.66
C SER A 93 19.17 3.92 4.76
N ALA A 94 19.46 5.13 5.28
CA ALA A 94 19.30 6.40 4.58
C ALA A 94 20.20 6.49 3.36
N GLU A 95 21.42 5.97 3.48
CA GLU A 95 22.40 5.90 2.39
C GLU A 95 21.86 4.97 1.30
N ILE A 96 21.38 3.78 1.69
CA ILE A 96 20.83 2.79 0.75
C ILE A 96 19.62 3.38 0.02
N PHE A 97 18.69 4.01 0.77
CA PHE A 97 17.50 4.65 0.22
C PHE A 97 17.80 5.70 -0.85
N ASN A 98 18.88 6.45 -0.67
CA ASN A 98 19.25 7.56 -1.55
C ASN A 98 20.19 7.16 -2.70
N LYS A 99 20.50 5.86 -2.84
CA LYS A 99 21.31 5.38 -3.96
C LYS A 99 20.43 5.43 -5.21
N LYS A 100 20.94 5.99 -6.33
CA LYS A 100 20.17 6.09 -7.57
C LYS A 100 19.84 4.73 -8.15
N LEU A 101 18.58 4.57 -8.56
CA LEU A 101 18.06 3.33 -9.14
C LEU A 101 17.35 3.64 -10.47
N PRO A 102 17.09 2.64 -11.36
CA PRO A 102 16.37 2.94 -12.61
C PRO A 102 15.00 3.57 -12.35
N SER A 103 14.48 4.34 -13.33
CA SER A 103 13.19 5.05 -13.27
C SER A 103 12.07 4.19 -12.65
N GLY A 104 11.40 4.75 -11.63
CA GLY A 104 10.30 4.11 -10.92
C GLY A 104 10.67 3.21 -9.75
N HIS A 105 11.93 2.70 -9.69
CA HIS A 105 12.42 1.79 -8.63
C HIS A 105 12.39 2.39 -7.22
N SER A 106 12.86 3.65 -7.04
CA SER A 106 12.86 4.30 -5.72
C SER A 106 11.45 4.54 -5.19
N ASP A 107 10.48 4.79 -6.11
CA ASP A 107 9.07 4.93 -5.76
C ASP A 107 8.53 3.60 -5.24
N LEU A 108 8.94 2.45 -5.88
CA LEU A 108 8.50 1.12 -5.48
C LEU A 108 9.15 0.74 -4.14
N LEU A 109 10.44 1.04 -3.98
CA LEU A 109 11.18 0.80 -2.74
C LEU A 109 10.49 1.52 -1.56
N GLU A 110 10.14 2.80 -1.76
CA GLU A 110 9.46 3.62 -0.75
C GLU A 110 8.11 2.98 -0.37
N ALA A 111 7.31 2.58 -1.37
CA ALA A 111 5.99 1.94 -1.20
C ALA A 111 6.10 0.59 -0.49
N ARG A 112 7.16 -0.18 -0.78
CA ARG A 112 7.42 -1.49 -0.17
C ARG A 112 7.82 -1.32 1.29
N ILE A 113 8.65 -0.31 1.61
CA ILE A 113 9.06 -0.01 3.00
C ILE A 113 7.85 0.54 3.79
N ARG A 114 7.07 1.45 3.19
CA ARG A 114 5.86 2.02 3.78
C ARG A 114 4.85 0.91 4.18
N ASN A 115 4.82 -0.20 3.42
CA ASN A 115 3.90 -1.32 3.67
C ASN A 115 4.59 -2.58 4.19
N SER A 116 5.72 -2.39 4.89
CA SER A 116 6.52 -3.48 5.44
C SER A 116 5.97 -4.08 6.75
N GLY A 117 5.14 -3.35 7.47
CA GLY A 117 4.61 -3.76 8.77
C GLY A 117 4.87 -2.75 9.86
N ILE A 118 5.79 -1.80 9.63
CA ILE A 118 6.10 -0.70 10.56
C ILE A 118 4.83 0.18 10.76
N SER A 119 4.60 0.64 11.99
CA SER A 119 3.48 1.51 12.37
C SER A 119 3.54 2.83 11.59
N ASP A 120 2.35 3.41 11.25
CA ASP A 120 2.25 4.68 10.49
C ASP A 120 2.92 5.85 11.20
N GLU A 121 2.83 5.86 12.55
CA GLU A 121 3.42 6.82 13.48
C GLU A 121 4.92 7.05 13.19
N TYR A 122 5.63 5.99 12.75
CA TYR A 122 7.06 6.01 12.51
C TYR A 122 7.50 6.13 11.05
N ILE A 123 6.58 5.91 10.09
CA ILE A 123 6.84 6.00 8.65
C ILE A 123 7.26 7.42 8.26
N THR A 124 6.46 8.43 8.65
CA THR A 124 6.68 9.85 8.37
C THR A 124 8.06 10.34 8.91
N PRO A 125 8.42 10.22 10.21
CA PRO A 125 9.75 10.68 10.65
C PRO A 125 10.92 9.93 10.00
N MET A 126 10.73 8.65 9.65
CA MET A 126 11.75 7.85 8.99
C MET A 126 12.05 8.37 7.58
N PHE A 127 10.97 8.64 6.79
CA PHE A 127 11.14 9.14 5.42
C PHE A 127 11.52 10.60 5.39
N SER A 128 11.16 11.37 6.43
CA SER A 128 11.52 12.77 6.59
C SER A 128 13.06 12.82 6.74
N PHE A 129 13.62 11.96 7.59
CA PHE A 129 15.07 11.83 7.78
C PHE A 129 15.82 11.36 6.51
N TYR A 130 15.29 10.34 5.80
CA TYR A 130 15.89 9.80 4.57
C TYR A 130 15.97 10.84 3.47
N LYS A 131 14.86 11.58 3.24
CA LYS A 131 14.78 12.60 2.20
C LYS A 131 15.73 13.78 2.47
N SER A 132 15.83 14.20 3.73
CA SER A 132 16.71 15.30 4.15
C SER A 132 18.20 14.91 4.09
N ILE A 133 18.50 13.60 4.27
CA ILE A 133 19.86 13.07 4.10
C ILE A 133 20.17 13.14 2.60
N GLY A 134 19.20 12.75 1.78
CA GLY A 134 19.28 12.76 0.33
C GLY A 134 19.58 14.11 -0.30
N GLU A 135 19.04 15.20 0.30
CA GLU A 135 19.24 16.59 -0.15
C GLU A 135 20.69 17.06 0.06
N LEU A 136 21.46 16.36 0.91
CA LEU A 136 22.87 16.69 1.17
C LEU A 136 23.77 16.17 0.07
N LYS A 137 23.29 15.20 -0.74
CA LYS A 137 24.01 14.56 -1.86
C LYS A 137 25.42 14.13 -1.42
N MET A 138 25.46 13.41 -0.29
CA MET A 138 26.69 12.95 0.35
C MET A 138 27.41 11.94 -0.51
N THR A 139 28.75 11.97 -0.45
CA THR A 139 29.60 11.00 -1.16
C THR A 139 29.78 9.83 -0.21
N GLN A 140 30.33 8.68 -0.70
CA GLN A 140 30.59 7.49 0.13
C GLN A 140 31.54 7.79 1.32
N GLU A 141 32.52 8.68 1.09
CA GLU A 141 33.51 9.11 2.06
C GLU A 141 32.84 9.90 3.17
N GLU A 142 31.83 10.73 2.81
CA GLU A 142 31.08 11.55 3.76
C GLU A 142 30.24 10.65 4.65
N TYR A 143 29.63 9.59 4.08
CA TYR A 143 28.85 8.62 4.86
C TYR A 143 29.77 7.82 5.78
N ALA A 144 30.95 7.44 5.31
CA ALA A 144 31.92 6.65 6.09
C ALA A 144 32.42 7.44 7.30
N LEU A 145 32.82 8.70 7.08
CA LEU A 145 33.31 9.59 8.14
C LEU A 145 32.22 9.93 9.14
N LEU A 146 31.01 10.24 8.65
CA LEU A 146 29.90 10.55 9.51
C LEU A 146 29.56 9.36 10.44
N THR A 147 29.59 8.12 9.90
CA THR A 147 29.36 6.90 10.68
C THR A 147 30.44 6.81 11.76
N ALA A 148 31.74 7.02 11.40
CA ALA A 148 32.85 7.04 12.37
C ALA A 148 32.63 8.09 13.45
N ILE A 149 32.21 9.32 13.07
CA ILE A 149 31.91 10.45 13.97
C ILE A 149 30.75 10.10 14.94
N VAL A 150 29.70 9.43 14.43
CA VAL A 150 28.54 8.96 15.21
C VAL A 150 29.03 7.96 16.29
N ILE A 151 29.89 7.02 15.91
CA ILE A 151 30.42 5.99 16.81
C ILE A 151 31.26 6.63 17.91
N LEU A 152 32.13 7.56 17.54
CA LEU A 152 33.04 8.23 18.47
C LEU A 152 32.44 9.49 19.07
N SER A 153 31.17 9.42 19.48
CA SER A 153 30.50 10.56 20.10
C SER A 153 30.86 10.57 21.60
N PRO A 154 31.58 11.63 22.07
CA PRO A 154 31.95 11.68 23.50
C PRO A 154 30.74 11.92 24.40
N ASP A 155 29.73 12.60 23.88
CA ASP A 155 28.48 12.95 24.56
C ASP A 155 27.49 11.75 24.68
N ARG A 156 28.04 10.50 24.70
CA ARG A 156 27.29 9.26 24.88
C ARG A 156 27.16 8.99 26.39
N GLN A 157 26.01 8.45 26.81
CA GLN A 157 25.71 8.13 28.21
C GLN A 157 26.57 6.95 28.70
N TYR A 158 27.08 7.07 29.96
CA TYR A 158 27.92 6.12 30.70
C TYR A 158 29.41 6.21 30.33
N ILE A 159 29.81 7.16 29.44
CA ILE A 159 31.22 7.33 29.06
C ILE A 159 31.98 7.92 30.25
N LYS A 160 32.98 7.18 30.75
CA LYS A 160 33.81 7.56 31.90
C LYS A 160 34.89 8.57 31.54
N ASP A 161 35.48 8.45 30.34
CA ASP A 161 36.54 9.35 29.90
C ASP A 161 36.18 9.93 28.51
N ARG A 162 35.46 11.06 28.53
CA ARG A 162 34.99 11.79 27.36
C ARG A 162 36.10 12.39 26.55
N GLU A 163 37.12 12.92 27.24
CA GLU A 163 38.30 13.55 26.64
C GLU A 163 39.02 12.62 25.70
N ALA A 164 39.17 11.34 26.11
CA ALA A 164 39.79 10.28 25.29
C ALA A 164 38.98 10.02 23.99
N VAL A 165 37.65 10.09 24.06
CA VAL A 165 36.76 9.90 22.91
C VAL A 165 36.87 11.14 22.00
N GLU A 166 36.86 12.35 22.60
CA GLU A 166 37.01 13.63 21.91
C GLU A 166 38.26 13.62 21.05
N LYS A 167 39.39 13.18 21.62
CA LYS A 167 40.67 13.11 20.93
C LYS A 167 40.59 12.25 19.66
N LEU A 168 39.77 11.18 19.69
CA LEU A 168 39.60 10.29 18.53
C LEU A 168 38.61 10.84 17.50
N GLN A 169 37.59 11.58 17.96
CA GLN A 169 36.58 12.14 17.03
C GLN A 169 37.07 13.38 16.28
N GLU A 170 37.88 14.24 16.96
CA GLU A 170 38.39 15.50 16.41
C GLU A 170 39.09 15.35 15.04
N PRO A 171 40.06 14.40 14.84
CA PRO A 171 40.66 14.28 13.51
C PRO A 171 39.69 13.88 12.40
N LEU A 172 38.63 13.12 12.73
CA LEU A 172 37.62 12.71 11.75
C LEU A 172 36.74 13.88 11.38
N LEU A 173 36.39 14.73 12.37
CA LEU A 173 35.60 15.94 12.15
C LEU A 173 36.36 16.88 11.19
N ASP A 174 37.69 17.00 11.36
CA ASP A 174 38.55 17.85 10.51
C ASP A 174 38.64 17.31 9.07
N VAL A 175 38.74 15.98 8.91
CA VAL A 175 38.78 15.38 7.57
C VAL A 175 37.43 15.63 6.88
N LEU A 176 36.31 15.38 7.60
CA LEU A 176 34.97 15.60 7.05
C LEU A 176 34.77 17.06 6.58
N GLN A 177 35.21 18.02 7.40
CA GLN A 177 35.11 19.44 7.12
C GLN A 177 35.82 19.80 5.81
N LYS A 178 37.05 19.29 5.61
CA LYS A 178 37.82 19.51 4.38
C LYS A 178 37.11 18.90 3.16
N LEU A 179 36.57 17.68 3.29
CA LEU A 179 35.81 17.02 2.21
C LEU A 179 34.59 17.82 1.81
N CYS A 180 33.88 18.43 2.79
CA CYS A 180 32.69 19.23 2.55
C CYS A 180 33.01 20.47 1.72
N LYS A 181 34.18 21.07 1.98
CA LYS A 181 34.66 22.25 1.25
C LYS A 181 35.11 21.89 -0.18
N ILE A 182 35.67 20.67 -0.36
CA ILE A 182 36.13 20.14 -1.65
C ILE A 182 34.95 19.70 -2.51
N HIS A 183 34.04 18.86 -1.97
CA HIS A 183 32.88 18.33 -2.68
C HIS A 183 31.79 19.36 -2.95
N GLN A 184 31.56 20.31 -2.02
CA GLN A 184 30.55 21.35 -2.18
C GLN A 184 31.10 22.75 -1.87
N PRO A 185 31.99 23.33 -2.73
CA PRO A 185 32.52 24.67 -2.44
C PRO A 185 31.51 25.81 -2.54
N GLU A 186 30.44 25.64 -3.36
CA GLU A 186 29.39 26.65 -3.52
C GLU A 186 28.50 26.75 -2.28
N ASN A 187 28.42 25.67 -1.47
CA ASN A 187 27.63 25.60 -0.23
C ASN A 187 28.58 25.54 0.98
N PRO A 188 28.96 26.70 1.58
CA PRO A 188 29.87 26.65 2.74
C PRO A 188 29.21 26.16 4.02
N GLN A 189 27.88 26.03 4.01
CA GLN A 189 27.06 25.56 5.12
C GLN A 189 27.03 24.03 5.22
N HIS A 190 27.47 23.34 4.15
CA HIS A 190 27.41 21.90 4.04
C HIS A 190 27.89 21.13 5.27
N PHE A 191 29.07 21.45 5.82
CA PHE A 191 29.59 20.75 7.00
C PHE A 191 28.63 20.85 8.19
N ALA A 192 28.13 22.08 8.46
CA ALA A 192 27.18 22.34 9.54
C ALA A 192 25.89 21.54 9.34
N CYS A 193 25.39 21.47 8.08
CA CYS A 193 24.20 20.72 7.69
C CYS A 193 24.35 19.25 8.02
N LEU A 194 25.51 18.62 7.67
CA LEU A 194 25.83 17.21 7.96
C LEU A 194 25.79 16.97 9.48
N LEU A 195 26.43 17.87 10.25
CA LEU A 195 26.47 17.76 11.71
C LEU A 195 25.09 17.93 12.33
N GLY A 196 24.27 18.80 11.72
CA GLY A 196 22.90 19.07 12.14
C GLY A 196 21.99 17.87 12.05
N ARG A 197 22.24 17.03 11.02
CA ARG A 197 21.57 15.77 10.74
C ARG A 197 21.83 14.69 11.83
N LEU A 198 22.90 14.86 12.63
CA LEU A 198 23.22 13.93 13.73
C LEU A 198 22.24 14.04 14.87
N THR A 199 21.65 15.24 15.06
CA THR A 199 20.64 15.51 16.07
C THR A 199 19.38 14.73 15.72
N GLU A 200 18.96 14.77 14.45
CA GLU A 200 17.78 14.04 13.98
C GLU A 200 17.97 12.54 14.12
N LEU A 201 19.20 12.05 13.86
CA LEU A 201 19.58 10.63 14.02
C LEU A 201 19.32 10.17 15.45
N ARG A 202 19.72 10.99 16.44
CA ARG A 202 19.56 10.67 17.87
C ARG A 202 18.11 10.39 18.29
N THR A 203 17.14 11.00 17.59
CA THR A 203 15.70 10.83 17.89
C THR A 203 15.21 9.39 17.62
N PHE A 204 15.75 8.72 16.59
CA PHE A 204 15.40 7.33 16.28
C PHE A 204 15.80 6.35 17.37
N ASN A 205 16.88 6.67 18.08
CA ASN A 205 17.43 5.88 19.18
C ASN A 205 16.47 5.96 20.39
N HIS A 206 15.75 7.09 20.54
CA HIS A 206 14.79 7.30 21.63
C HIS A 206 13.54 6.41 21.47
N HIS A 207 13.08 6.22 20.21
CA HIS A 207 11.90 5.43 19.92
C HIS A 207 12.15 4.08 19.23
N HIS A 208 13.42 3.59 19.15
CA HIS A 208 13.76 2.33 18.46
C HIS A 208 12.98 1.12 19.00
N ALA A 209 12.93 0.94 20.35
CA ALA A 209 12.23 -0.19 20.98
C ALA A 209 10.73 -0.20 20.66
N GLU A 210 10.07 0.97 20.72
CA GLU A 210 8.65 1.11 20.41
C GLU A 210 8.39 0.86 18.93
N MET A 211 9.32 1.31 18.06
CA MET A 211 9.28 1.14 16.61
C MET A 211 9.25 -0.34 16.24
N LEU A 212 10.07 -1.13 16.94
CA LEU A 212 10.17 -2.57 16.76
C LEU A 212 8.96 -3.30 17.32
N MET A 213 8.54 -2.97 18.56
CA MET A 213 7.41 -3.64 19.21
C MET A 213 6.05 -3.31 18.57
N SER A 214 5.94 -2.21 17.80
CA SER A 214 4.68 -1.84 17.15
C SER A 214 4.57 -2.38 15.71
N TRP A 215 5.59 -3.15 15.27
CA TRP A 215 5.61 -3.80 13.95
C TRP A 215 4.40 -4.72 13.93
N ARG A 216 3.61 -4.67 12.84
CA ARG A 216 2.34 -5.41 12.68
C ARG A 216 2.54 -6.90 12.51
N VAL A 217 2.97 -7.56 13.58
CA VAL A 217 3.20 -9.00 13.67
C VAL A 217 2.69 -9.44 15.05
N ASN A 218 2.37 -10.74 15.22
CA ASN A 218 1.81 -11.32 16.46
C ASN A 218 2.91 -11.61 17.48
N ASP A 219 4.13 -11.91 17.01
CA ASP A 219 5.29 -12.25 17.83
C ASP A 219 6.49 -11.45 17.35
N HIS A 220 7.26 -10.91 18.31
CA HIS A 220 8.46 -10.12 18.02
C HIS A 220 9.70 -10.87 18.51
N LYS A 221 10.26 -11.72 17.65
CA LYS A 221 11.43 -12.54 17.97
C LYS A 221 12.71 -11.80 17.57
N PHE A 222 13.67 -11.76 18.50
CA PHE A 222 14.94 -11.07 18.36
C PHE A 222 16.13 -12.00 18.66
N THR A 223 17.22 -11.87 17.88
CA THR A 223 18.45 -12.66 18.07
C THR A 223 19.14 -12.24 19.39
N PRO A 224 19.87 -13.13 20.12
CA PRO A 224 20.52 -12.70 21.37
C PRO A 224 21.42 -11.47 21.24
N LEU A 225 22.06 -11.27 20.06
CA LEU A 225 22.92 -10.12 19.83
C LEU A 225 22.06 -8.85 19.72
N LEU A 226 20.87 -8.94 19.10
CA LEU A 226 19.94 -7.83 18.98
C LEU A 226 19.38 -7.39 20.32
N CYS A 227 19.08 -8.34 21.22
CA CYS A 227 18.60 -8.01 22.58
C CYS A 227 19.64 -7.19 23.38
N GLU A 228 20.94 -7.39 23.13
CA GLU A 228 22.01 -6.67 23.84
C GLU A 228 22.16 -5.23 23.33
N ILE A 229 21.89 -5.02 22.04
CA ILE A 229 22.06 -3.74 21.35
C ILE A 229 20.78 -2.88 21.36
N TRP A 230 19.62 -3.54 21.29
CA TRP A 230 18.31 -2.91 21.31
C TRP A 230 17.67 -3.12 22.66
N ASP A 231 16.81 -2.22 23.10
CA ASP A 231 16.21 -2.39 24.42
C ASP A 231 14.92 -3.23 24.33
N VAL A 232 15.08 -4.49 23.86
CA VAL A 232 14.02 -5.48 23.60
C VAL A 232 14.26 -6.82 24.33
N GLN A 233 13.15 -7.56 24.63
CA GLN A 233 13.08 -8.85 25.33
C GLN A 233 13.80 -8.84 26.68
N ASP B 2 24.71 -6.80 31.29
CA ASP B 2 25.78 -7.74 30.98
C ASP B 2 25.76 -8.06 29.49
N HIS B 3 26.45 -7.21 28.71
CA HIS B 3 26.55 -7.28 27.25
C HIS B 3 27.69 -8.23 26.85
N GLN B 4 27.50 -9.51 27.20
CA GLN B 4 28.41 -10.64 27.01
C GLN B 4 28.82 -10.86 25.58
N LEU B 5 27.87 -10.78 24.63
CA LEU B 5 28.14 -10.99 23.21
C LEU B 5 28.93 -9.83 22.63
N LEU B 6 28.54 -8.58 22.96
CA LEU B 6 29.22 -7.36 22.55
C LEU B 6 30.66 -7.38 23.07
N ARG B 7 30.82 -7.69 24.37
CA ARG B 7 32.13 -7.79 25.04
C ARG B 7 32.98 -8.81 24.30
N TYR B 8 32.38 -9.95 23.91
CA TYR B 8 33.06 -11.00 23.17
C TYR B 8 33.53 -10.57 21.80
N LEU B 9 32.64 -9.97 20.99
CA LEU B 9 32.98 -9.50 19.63
C LEU B 9 34.05 -8.39 19.67
N LEU B 10 34.07 -7.60 20.72
CA LEU B 10 35.03 -6.51 20.96
C LEU B 10 36.41 -7.02 21.35
N ASP B 11 36.49 -8.03 22.26
CA ASP B 11 37.74 -8.61 22.78
C ASP B 11 38.32 -9.79 21.98
N LYS B 12 37.54 -10.33 21.01
CA LYS B 12 37.82 -11.47 20.11
C LYS B 12 39.30 -11.87 19.96
N MET C 4 -3.83 1.54 5.76
CA MET C 4 -4.48 1.41 7.06
C MET C 4 -5.20 0.08 7.22
N GLU C 5 -5.07 -0.53 8.42
CA GLU C 5 -5.70 -1.81 8.73
C GLU C 5 -7.20 -1.62 9.03
N LEU C 6 -8.03 -2.63 8.69
CA LEU C 6 -9.46 -2.59 8.99
C LEU C 6 -9.64 -2.83 10.50
N THR C 7 -10.65 -2.20 11.10
CA THR C 7 -10.96 -2.37 12.52
C THR C 7 -11.84 -3.65 12.66
N PRO C 8 -12.03 -4.23 13.86
CA PRO C 8 -12.93 -5.39 13.99
C PRO C 8 -14.36 -5.09 13.50
N ASP C 9 -14.85 -3.85 13.73
CA ASP C 9 -16.17 -3.39 13.27
C ASP C 9 -16.26 -3.36 11.75
N GLN C 10 -15.16 -2.95 11.08
CA GLN C 10 -15.14 -2.89 9.62
C GLN C 10 -15.08 -4.29 9.03
N GLN C 11 -14.29 -5.19 9.63
CA GLN C 11 -14.19 -6.58 9.20
C GLN C 11 -15.55 -7.30 9.33
N THR C 12 -16.33 -6.96 10.37
CA THR C 12 -17.68 -7.49 10.61
C THR C 12 -18.64 -6.96 9.53
N LEU C 13 -18.54 -5.65 9.22
CA LEU C 13 -19.33 -4.99 8.18
C LEU C 13 -19.04 -5.66 6.84
N LEU C 14 -17.74 -5.81 6.50
CA LEU C 14 -17.24 -6.43 5.29
C LEU C 14 -17.75 -7.88 5.10
N HIS C 15 -17.62 -8.76 6.10
CA HIS C 15 -18.13 -10.14 5.95
C HIS C 15 -19.65 -10.20 5.77
N PHE C 16 -20.38 -9.34 6.47
CA PHE C 16 -21.84 -9.23 6.36
C PHE C 16 -22.24 -8.82 4.94
N ILE C 17 -21.49 -7.88 4.33
CA ILE C 17 -21.76 -7.41 2.98
C ILE C 17 -21.36 -8.48 1.97
N MET C 18 -20.27 -9.21 2.25
CA MET C 18 -19.83 -10.29 1.37
C MET C 18 -20.84 -11.40 1.28
N ASP C 19 -21.41 -11.81 2.43
CA ASP C 19 -22.42 -12.86 2.53
C ASP C 19 -23.69 -12.53 1.76
N SER C 20 -24.18 -11.28 1.84
CA SER C 20 -25.37 -10.83 1.12
C SER C 20 -25.07 -10.77 -0.39
N TYR C 21 -23.85 -10.34 -0.77
CA TYR C 21 -23.42 -10.22 -2.15
C TYR C 21 -23.32 -11.58 -2.83
N ASN C 22 -22.87 -12.61 -2.09
CA ASN C 22 -22.69 -13.98 -2.58
C ASN C 22 -24.00 -14.73 -2.87
N LYS C 23 -25.16 -14.17 -2.42
CA LYS C 23 -26.49 -14.73 -2.68
C LYS C 23 -26.88 -14.59 -4.17
N GLN C 24 -26.13 -13.79 -4.94
CA GLN C 24 -26.38 -13.57 -6.37
C GLN C 24 -26.14 -14.83 -7.18
N ARG C 25 -26.79 -14.94 -8.36
CA ARG C 25 -26.65 -16.06 -9.28
C ARG C 25 -25.16 -16.19 -9.64
N MET C 26 -24.61 -17.40 -9.49
CA MET C 26 -23.19 -17.70 -9.72
C MET C 26 -22.70 -17.34 -11.12
N PRO C 27 -21.50 -16.71 -11.24
CA PRO C 27 -20.98 -16.35 -12.58
C PRO C 27 -20.88 -17.53 -13.55
N GLN C 28 -20.38 -18.69 -13.05
CA GLN C 28 -20.24 -19.94 -13.79
C GLN C 28 -21.55 -20.40 -14.41
N GLU C 29 -22.68 -20.26 -13.68
CA GLU C 29 -24.03 -20.60 -14.15
C GLU C 29 -24.36 -19.83 -15.41
N ILE C 30 -24.09 -18.52 -15.41
CA ILE C 30 -24.34 -17.57 -16.49
C ILE C 30 -23.46 -17.85 -17.72
N THR C 31 -22.13 -17.96 -17.54
CA THR C 31 -21.19 -18.20 -18.63
C THR C 31 -21.36 -19.57 -19.25
N ASN C 32 -21.74 -20.60 -18.43
CA ASN C 32 -21.99 -21.95 -18.95
C ASN C 32 -23.10 -21.92 -19.99
N LYS C 33 -24.20 -21.18 -19.71
CA LYS C 33 -25.35 -21.05 -20.61
C LYS C 33 -24.98 -20.39 -21.94
N ILE C 34 -24.22 -19.27 -21.88
CA ILE C 34 -23.79 -18.53 -23.06
C ILE C 34 -22.77 -19.32 -23.87
N LEU C 35 -21.83 -20.01 -23.20
CA LEU C 35 -20.77 -20.78 -23.87
C LEU C 35 -21.21 -22.11 -24.49
N LYS C 36 -22.21 -22.80 -23.89
CA LYS C 36 -22.73 -24.11 -24.32
C LYS C 36 -23.23 -24.12 -25.76
N GLU C 37 -24.06 -23.14 -26.13
CA GLU C 37 -24.65 -23.04 -27.47
C GLU C 37 -24.94 -21.60 -27.84
N ALA C 38 -25.08 -21.33 -29.14
CA ALA C 38 -25.41 -20.00 -29.65
C ALA C 38 -26.92 -19.89 -29.74
N PHE C 39 -27.44 -18.72 -29.40
CA PHE C 39 -28.86 -18.46 -29.44
C PHE C 39 -29.17 -17.34 -30.44
N SER C 40 -30.42 -17.25 -30.90
CA SER C 40 -30.83 -16.17 -31.79
C SER C 40 -30.90 -14.87 -30.96
N ALA C 41 -31.04 -13.72 -31.64
CA ALA C 41 -31.16 -12.42 -30.96
C ALA C 41 -32.45 -12.37 -30.11
N GLU C 42 -33.50 -13.07 -30.56
CA GLU C 42 -34.78 -13.19 -29.88
C GLU C 42 -34.61 -13.98 -28.57
N GLU C 43 -33.89 -15.12 -28.62
CA GLU C 43 -33.64 -15.97 -27.46
C GLU C 43 -32.73 -15.25 -26.46
N ASN C 44 -31.74 -14.49 -26.97
CA ASN C 44 -30.81 -13.72 -26.16
C ASN C 44 -31.49 -12.56 -25.43
N PHE C 45 -32.51 -11.94 -26.05
CA PHE C 45 -33.26 -10.86 -25.42
C PHE C 45 -34.02 -11.38 -24.20
N LEU C 46 -34.63 -12.57 -24.34
CA LEU C 46 -35.39 -13.28 -23.30
C LEU C 46 -34.46 -13.72 -22.17
N ILE C 47 -33.23 -14.18 -22.51
CA ILE C 47 -32.22 -14.56 -21.51
C ILE C 47 -31.86 -13.31 -20.69
N LEU C 48 -31.62 -12.16 -21.38
CA LEU C 48 -31.29 -10.91 -20.71
C LEU C 48 -32.37 -10.46 -19.73
N THR C 49 -33.65 -10.47 -20.15
CA THR C 49 -34.77 -10.02 -19.30
C THR C 49 -34.95 -10.93 -18.06
N GLU C 50 -34.76 -12.24 -18.21
CA GLU C 50 -34.86 -13.19 -17.10
C GLU C 50 -33.66 -12.98 -16.15
N MET C 51 -32.44 -12.82 -16.73
CA MET C 51 -31.23 -12.56 -15.94
C MET C 51 -31.38 -11.27 -15.14
N ALA C 52 -31.87 -10.20 -15.78
CA ALA C 52 -32.03 -8.88 -15.17
C ALA C 52 -33.15 -8.86 -14.14
N THR C 53 -34.19 -9.69 -14.31
CA THR C 53 -35.30 -9.80 -13.34
C THR C 53 -34.76 -10.44 -12.05
N ASN C 54 -33.99 -11.54 -12.19
CA ASN C 54 -33.41 -12.23 -11.03
C ASN C 54 -32.42 -11.30 -10.33
N HIS C 55 -31.63 -10.57 -11.11
CA HIS C 55 -30.64 -9.61 -10.61
C HIS C 55 -31.29 -8.54 -9.73
N VAL C 56 -32.40 -7.92 -10.20
CA VAL C 56 -33.10 -6.87 -9.44
C VAL C 56 -33.68 -7.46 -8.15
N GLN C 57 -34.30 -8.65 -8.22
CA GLN C 57 -34.86 -9.32 -7.04
C GLN C 57 -33.80 -9.51 -5.96
N VAL C 58 -32.62 -10.00 -6.33
CA VAL C 58 -31.53 -10.25 -5.39
C VAL C 58 -30.89 -8.91 -4.94
N LEU C 59 -30.85 -7.93 -5.86
CA LEU C 59 -30.34 -6.60 -5.55
C LEU C 59 -31.18 -5.90 -4.48
N VAL C 60 -32.51 -6.06 -4.52
CA VAL C 60 -33.40 -5.47 -3.50
C VAL C 60 -33.11 -6.11 -2.13
N GLU C 61 -32.86 -7.44 -2.11
CA GLU C 61 -32.53 -8.17 -0.89
C GLU C 61 -31.19 -7.70 -0.32
N PHE C 62 -30.19 -7.48 -1.20
CA PHE C 62 -28.86 -7.00 -0.82
C PHE C 62 -28.93 -5.55 -0.26
N THR C 63 -29.68 -4.69 -0.94
CA THR C 63 -29.91 -3.28 -0.60
C THR C 63 -30.54 -3.14 0.78
N LYS C 64 -31.57 -3.95 1.07
CA LYS C 64 -32.27 -3.97 2.37
C LYS C 64 -31.33 -4.29 3.54
N LYS C 65 -30.32 -5.13 3.30
CA LYS C 65 -29.35 -5.53 4.31
C LYS C 65 -28.22 -4.51 4.49
N LEU C 66 -28.11 -3.47 3.62
CA LEU C 66 -27.08 -2.44 3.76
C LEU C 66 -27.36 -1.65 5.04
N PRO C 67 -26.35 -1.50 5.94
CA PRO C 67 -26.62 -0.81 7.22
C PRO C 67 -27.22 0.58 7.09
N GLY C 68 -28.32 0.79 7.80
CA GLY C 68 -29.06 2.04 7.79
C GLY C 68 -30.07 2.19 6.68
N PHE C 69 -30.05 1.33 5.64
CA PHE C 69 -30.98 1.49 4.51
C PHE C 69 -32.44 1.58 4.92
N GLN C 70 -32.87 0.72 5.86
CA GLN C 70 -34.25 0.66 6.32
C GLN C 70 -34.66 1.89 7.15
N THR C 71 -33.68 2.71 7.59
CA THR C 71 -33.94 3.93 8.37
C THR C 71 -34.20 5.12 7.43
N LEU C 72 -33.97 4.94 6.12
CA LEU C 72 -34.18 6.00 5.14
C LEU C 72 -35.64 6.17 4.81
N ASP C 73 -36.03 7.40 4.40
CA ASP C 73 -37.37 7.76 3.94
C ASP C 73 -37.74 6.81 2.78
N HIS C 74 -38.96 6.26 2.82
CA HIS C 74 -39.43 5.27 1.85
C HIS C 74 -39.35 5.70 0.40
N GLU C 75 -39.60 6.99 0.13
CA GLU C 75 -39.52 7.51 -1.24
C GLU C 75 -38.06 7.58 -1.70
N ASP C 76 -37.13 7.89 -0.77
CA ASP C 76 -35.70 7.94 -1.06
C ASP C 76 -35.18 6.52 -1.32
N GLN C 77 -35.72 5.52 -0.61
CA GLN C 77 -35.37 4.10 -0.77
C GLN C 77 -35.67 3.63 -2.21
N ILE C 78 -36.88 3.97 -2.72
CA ILE C 78 -37.31 3.65 -4.08
C ILE C 78 -36.39 4.35 -5.08
N ALA C 79 -36.10 5.65 -4.84
CA ALA C 79 -35.26 6.48 -5.71
C ALA C 79 -33.82 5.93 -5.83
N LEU C 80 -33.23 5.43 -4.72
CA LEU C 80 -31.89 4.83 -4.69
C LEU C 80 -31.90 3.52 -5.48
N LEU C 81 -32.94 2.71 -5.28
CA LEU C 81 -33.08 1.42 -5.96
C LEU C 81 -33.24 1.59 -7.45
N LYS C 82 -34.17 2.47 -7.84
CA LYS C 82 -34.41 2.83 -9.23
C LYS C 82 -33.19 3.49 -9.89
N GLY C 83 -32.47 4.31 -9.14
CA GLY C 83 -31.32 5.01 -9.67
C GLY C 83 -30.07 4.17 -9.87
N SER C 84 -29.99 3.01 -9.20
CA SER C 84 -28.79 2.17 -9.21
C SER C 84 -28.90 0.81 -9.89
N ALA C 85 -30.13 0.31 -10.14
CA ALA C 85 -30.38 -1.02 -10.67
C ALA C 85 -29.62 -1.34 -11.97
N VAL C 86 -29.67 -0.44 -12.95
CA VAL C 86 -28.97 -0.61 -14.22
C VAL C 86 -27.45 -0.57 -14.02
N GLU C 87 -26.96 0.40 -13.24
CA GLU C 87 -25.53 0.51 -12.97
C GLU C 87 -24.97 -0.75 -12.29
N ALA C 88 -25.73 -1.30 -11.32
CA ALA C 88 -25.38 -2.53 -10.58
C ALA C 88 -25.37 -3.73 -11.52
N MET C 89 -26.32 -3.76 -12.48
CA MET C 89 -26.41 -4.81 -13.47
C MET C 89 -25.16 -4.83 -14.37
N PHE C 90 -24.70 -3.66 -14.84
CA PHE C 90 -23.51 -3.57 -15.66
C PHE C 90 -22.25 -3.87 -14.87
N LEU C 91 -22.22 -3.47 -13.60
CA LEU C 91 -21.06 -3.76 -12.73
C LEU C 91 -20.93 -5.26 -12.51
N ARG C 92 -22.06 -5.93 -12.26
CA ARG C 92 -22.10 -7.38 -12.07
C ARG C 92 -21.70 -8.12 -13.37
N SER C 93 -22.17 -7.61 -14.54
CA SER C 93 -21.83 -8.19 -15.85
C SER C 93 -20.32 -8.11 -16.08
N ALA C 94 -19.71 -6.96 -15.70
CA ALA C 94 -18.27 -6.69 -15.82
C ALA C 94 -17.46 -7.64 -14.95
N GLU C 95 -17.96 -7.93 -13.75
CA GLU C 95 -17.34 -8.88 -12.82
C GLU C 95 -17.36 -10.28 -13.44
N ILE C 96 -18.53 -10.70 -13.97
CA ILE C 96 -18.70 -12.01 -14.60
C ILE C 96 -17.76 -12.15 -15.80
N PHE C 97 -17.73 -11.13 -16.67
CA PHE C 97 -16.86 -11.10 -17.84
C PHE C 97 -15.36 -11.28 -17.52
N ASN C 98 -14.92 -10.73 -16.38
CA ASN C 98 -13.52 -10.74 -15.97
C ASN C 98 -13.12 -11.94 -15.10
N LYS C 99 -14.05 -12.88 -14.86
CA LYS C 99 -13.74 -14.10 -14.12
C LYS C 99 -12.91 -15.00 -15.05
N LYS C 100 -11.78 -15.54 -14.55
CA LYS C 100 -10.91 -16.40 -15.35
C LYS C 100 -11.60 -17.70 -15.76
N LEU C 101 -11.43 -18.07 -17.04
CA LEU C 101 -12.04 -19.26 -17.63
C LEU C 101 -10.94 -20.09 -18.35
N PRO C 102 -11.18 -21.39 -18.69
CA PRO C 102 -10.14 -22.13 -19.43
C PRO C 102 -9.80 -21.46 -20.77
N SER C 103 -8.58 -21.73 -21.29
CA SER C 103 -8.05 -21.17 -22.55
C SER C 103 -9.09 -21.15 -23.67
N GLY C 104 -9.27 -19.98 -24.29
CA GLY C 104 -10.20 -19.77 -25.40
C GLY C 104 -11.64 -19.43 -25.05
N HIS C 105 -12.10 -19.77 -23.82
CA HIS C 105 -13.46 -19.53 -23.34
C HIS C 105 -13.89 -18.06 -23.29
N SER C 106 -13.03 -17.16 -22.77
CA SER C 106 -13.34 -15.73 -22.68
C SER C 106 -13.46 -15.09 -24.05
N ASP C 107 -12.67 -15.58 -25.04
CA ASP C 107 -12.75 -15.14 -26.44
C ASP C 107 -14.10 -15.54 -27.04
N LEU C 108 -14.60 -16.75 -26.71
CA LEU C 108 -15.90 -17.24 -27.20
C LEU C 108 -17.03 -16.47 -26.54
N LEU C 109 -16.93 -16.23 -25.22
CA LEU C 109 -17.90 -15.46 -24.45
C LEU C 109 -18.05 -14.05 -25.06
N GLU C 110 -16.93 -13.38 -25.34
CA GLU C 110 -16.90 -12.04 -25.94
C GLU C 110 -17.61 -12.05 -27.32
N ALA C 111 -17.30 -13.04 -28.17
CA ALA C 111 -17.87 -13.20 -29.50
C ALA C 111 -19.37 -13.48 -29.45
N ARG C 112 -19.81 -14.26 -28.45
CA ARG C 112 -21.21 -14.61 -28.24
C ARG C 112 -22.01 -13.39 -27.79
N ILE C 113 -21.45 -12.57 -26.88
CA ILE C 113 -22.08 -11.33 -26.40
C ILE C 113 -22.13 -10.29 -27.55
N ARG C 114 -21.03 -10.18 -28.35
CA ARG C 114 -20.97 -9.26 -29.51
C ARG C 114 -22.04 -9.58 -30.53
N ASN C 115 -22.46 -10.85 -30.60
CA ASN C 115 -23.48 -11.29 -31.55
C ASN C 115 -24.81 -11.68 -30.89
N SER C 116 -25.09 -11.08 -29.72
CA SER C 116 -26.30 -11.35 -28.95
C SER C 116 -27.58 -10.68 -29.46
N GLY C 117 -27.44 -9.55 -30.14
CA GLY C 117 -28.59 -8.82 -30.66
C GLY C 117 -28.50 -7.34 -30.36
N ILE C 118 -27.62 -6.98 -29.43
CA ILE C 118 -27.37 -5.59 -29.05
C ILE C 118 -26.78 -4.82 -30.26
N SER C 119 -27.18 -3.55 -30.44
CA SER C 119 -26.71 -2.66 -31.50
C SER C 119 -25.20 -2.44 -31.41
N ASP C 120 -24.51 -2.26 -32.56
CA ASP C 120 -23.06 -2.05 -32.60
C ASP C 120 -22.60 -0.81 -31.83
N GLU C 121 -23.42 0.25 -31.88
CA GLU C 121 -23.26 1.53 -31.20
C GLU C 121 -22.94 1.34 -29.69
N TYR C 122 -23.51 0.30 -29.07
CA TYR C 122 -23.36 0.02 -27.65
C TYR C 122 -22.36 -1.07 -27.27
N ILE C 123 -21.92 -1.90 -28.24
CA ILE C 123 -20.95 -3.00 -28.04
C ILE C 123 -19.60 -2.47 -27.58
N THR C 124 -19.05 -1.48 -28.31
CA THR C 124 -17.76 -0.84 -28.05
C THR C 124 -17.71 -0.21 -26.64
N PRO C 125 -18.62 0.73 -26.23
CA PRO C 125 -18.54 1.26 -24.86
C PRO C 125 -18.72 0.22 -23.75
N MET C 126 -19.50 -0.84 -24.01
CA MET C 126 -19.73 -1.92 -23.06
C MET C 126 -18.45 -2.72 -22.82
N PHE C 127 -17.74 -3.10 -23.89
CA PHE C 127 -16.50 -3.87 -23.77
C PHE C 127 -15.33 -3.01 -23.32
N SER C 128 -15.39 -1.70 -23.61
CA SER C 128 -14.38 -0.73 -23.17
C SER C 128 -14.43 -0.69 -21.65
N PHE C 129 -15.65 -0.61 -21.08
CA PHE C 129 -15.86 -0.59 -19.63
C PHE C 129 -15.45 -1.93 -18.99
N TYR C 130 -15.86 -3.07 -19.57
CA TYR C 130 -15.53 -4.40 -19.03
C TYR C 130 -14.04 -4.62 -18.94
N LYS C 131 -13.29 -4.29 -20.01
CA LYS C 131 -11.84 -4.46 -20.05
C LYS C 131 -11.12 -3.57 -19.05
N SER C 132 -11.57 -2.33 -18.89
CA SER C 132 -11.00 -1.35 -17.95
C SER C 132 -11.33 -1.71 -16.50
N ILE C 133 -12.48 -2.40 -16.25
CA ILE C 133 -12.83 -2.90 -14.92
C ILE C 133 -11.83 -4.05 -14.62
N GLY C 134 -11.58 -4.89 -15.62
CA GLY C 134 -10.67 -6.03 -15.56
C GLY C 134 -9.25 -5.67 -15.19
N GLU C 135 -8.76 -4.51 -15.69
CA GLU C 135 -7.40 -3.99 -15.42
C GLU C 135 -7.21 -3.56 -13.98
N LEU C 136 -8.32 -3.35 -13.23
CA LEU C 136 -8.26 -2.98 -11.83
C LEU C 136 -7.99 -4.19 -10.94
N LYS C 137 -8.18 -5.43 -11.47
CA LYS C 137 -7.97 -6.72 -10.80
C LYS C 137 -8.62 -6.70 -9.41
N MET C 138 -9.90 -6.30 -9.40
CA MET C 138 -10.70 -6.17 -8.20
C MET C 138 -10.96 -7.52 -7.57
N THR C 139 -11.00 -7.53 -6.23
CA THR C 139 -11.32 -8.73 -5.46
C THR C 139 -12.83 -8.75 -5.31
N GLN C 140 -13.39 -9.88 -4.86
CA GLN C 140 -14.82 -10.05 -4.63
C GLN C 140 -15.39 -8.99 -3.67
N GLU C 141 -14.62 -8.67 -2.62
CA GLU C 141 -14.92 -7.68 -1.60
C GLU C 141 -15.00 -6.28 -2.18
N GLU C 142 -14.11 -5.98 -3.14
CA GLU C 142 -14.06 -4.68 -3.84
C GLU C 142 -15.29 -4.51 -4.71
N TYR C 143 -15.73 -5.59 -5.37
CA TYR C 143 -16.96 -5.57 -6.20
C TYR C 143 -18.18 -5.39 -5.31
N ALA C 144 -18.22 -6.07 -4.15
CA ALA C 144 -19.35 -5.99 -3.21
C ALA C 144 -19.50 -4.58 -2.65
N LEU C 145 -18.40 -3.98 -2.19
CA LEU C 145 -18.39 -2.63 -1.64
C LEU C 145 -18.73 -1.57 -2.69
N LEU C 146 -18.15 -1.70 -3.90
CA LEU C 146 -18.43 -0.76 -4.97
C LEU C 146 -19.92 -0.77 -5.34
N THR C 147 -20.53 -1.99 -5.39
CA THR C 147 -21.98 -2.15 -5.64
C THR C 147 -22.76 -1.42 -4.53
N ALA C 148 -22.38 -1.62 -3.25
CA ALA C 148 -23.01 -0.94 -2.11
C ALA C 148 -22.89 0.59 -2.25
N ILE C 149 -21.69 1.09 -2.62
CA ILE C 149 -21.38 2.52 -2.84
C ILE C 149 -22.24 3.10 -4.01
N VAL C 150 -22.43 2.33 -5.09
CA VAL C 150 -23.28 2.68 -6.25
C VAL C 150 -24.74 2.86 -5.77
N ILE C 151 -25.24 1.92 -4.96
CA ILE C 151 -26.60 1.95 -4.45
C ILE C 151 -26.83 3.16 -3.56
N LEU C 152 -25.88 3.40 -2.66
CA LEU C 152 -25.98 4.50 -1.70
C LEU C 152 -25.38 5.80 -2.23
N SER C 153 -25.66 6.15 -3.48
CA SER C 153 -25.17 7.39 -4.08
C SER C 153 -26.12 8.52 -3.70
N PRO C 154 -25.63 9.55 -2.98
CA PRO C 154 -26.53 10.65 -2.56
C PRO C 154 -26.91 11.62 -3.67
N ASP C 155 -26.18 11.58 -4.80
CA ASP C 155 -26.34 12.46 -5.97
C ASP C 155 -27.42 11.93 -6.92
N ARG C 156 -28.17 10.94 -6.48
CA ARG C 156 -29.24 10.33 -7.26
C ARG C 156 -30.41 11.31 -7.38
N GLN C 157 -31.07 11.33 -8.54
CA GLN C 157 -32.21 12.20 -8.83
C GLN C 157 -33.45 11.83 -7.98
N TYR C 158 -34.14 12.86 -7.46
CA TYR C 158 -35.35 12.82 -6.61
C TYR C 158 -35.06 12.54 -5.12
N ILE C 159 -33.77 12.43 -4.72
CA ILE C 159 -33.42 12.20 -3.31
C ILE C 159 -33.72 13.46 -2.51
N LYS C 160 -34.62 13.33 -1.51
CA LYS C 160 -35.05 14.43 -0.65
C LYS C 160 -34.04 14.75 0.46
N ASP C 161 -33.37 13.73 1.01
CA ASP C 161 -32.40 13.90 2.08
C ASP C 161 -31.07 13.23 1.70
N ARG C 162 -30.23 13.98 0.98
CA ARG C 162 -28.92 13.53 0.52
C ARG C 162 -27.97 13.23 1.67
N GLU C 163 -27.93 14.11 2.69
CA GLU C 163 -27.08 13.99 3.88
C GLU C 163 -27.23 12.61 4.52
N ALA C 164 -28.49 12.12 4.66
CA ALA C 164 -28.78 10.80 5.25
C ALA C 164 -28.18 9.66 4.40
N VAL C 165 -28.16 9.81 3.07
CA VAL C 165 -27.59 8.81 2.16
C VAL C 165 -26.07 8.88 2.27
N GLU C 166 -25.53 10.12 2.29
CA GLU C 166 -24.09 10.38 2.43
C GLU C 166 -23.52 9.72 3.68
N LYS C 167 -24.24 9.79 4.82
CA LYS C 167 -23.88 9.17 6.11
C LYS C 167 -23.77 7.65 6.02
N LEU C 168 -24.59 7.03 5.15
CA LEU C 168 -24.58 5.57 4.96
C LEU C 168 -23.48 5.13 3.97
N GLN C 169 -23.15 5.99 3.00
CA GLN C 169 -22.12 5.68 2.02
C GLN C 169 -20.71 5.84 2.57
N GLU C 170 -20.48 6.87 3.42
CA GLU C 170 -19.17 7.19 4.02
C GLU C 170 -18.46 5.97 4.66
N PRO C 171 -19.10 5.17 5.56
CA PRO C 171 -18.38 4.00 6.13
C PRO C 171 -17.95 2.97 5.09
N LEU C 172 -18.72 2.82 4.00
CA LEU C 172 -18.41 1.86 2.93
C LEU C 172 -17.25 2.37 2.10
N LEU C 173 -17.21 3.69 1.84
CA LEU C 173 -16.10 4.33 1.12
C LEU C 173 -14.79 4.16 1.88
N ASP C 174 -14.83 4.26 3.23
CA ASP C 174 -13.67 4.08 4.09
C ASP C 174 -13.18 2.64 4.09
N VAL C 175 -14.10 1.65 4.12
CA VAL C 175 -13.72 0.25 4.08
C VAL C 175 -13.05 -0.04 2.69
N LEU C 176 -13.68 0.43 1.60
CA LEU C 176 -13.13 0.23 0.25
C LEU C 176 -11.72 0.82 0.10
N GLN C 177 -11.53 2.04 0.61
CA GLN C 177 -10.24 2.73 0.59
C GLN C 177 -9.14 1.91 1.27
N LYS C 178 -9.44 1.34 2.45
CA LYS C 178 -8.50 0.50 3.21
C LYS C 178 -8.16 -0.77 2.42
N LEU C 179 -9.17 -1.42 1.81
CA LEU C 179 -8.97 -2.62 1.00
C LEU C 179 -8.07 -2.34 -0.19
N CYS C 180 -8.22 -1.15 -0.83
CA CYS C 180 -7.40 -0.75 -1.98
C CYS C 180 -5.95 -0.61 -1.61
N LYS C 181 -5.67 -0.10 -0.40
CA LYS C 181 -4.32 0.07 0.13
C LYS C 181 -3.69 -1.27 0.51
N ILE C 182 -4.51 -2.22 0.99
CA ILE C 182 -4.09 -3.57 1.39
C ILE C 182 -3.83 -4.45 0.14
N HIS C 183 -4.81 -4.51 -0.79
CA HIS C 183 -4.73 -5.33 -2.01
C HIS C 183 -3.74 -4.80 -3.04
N GLN C 184 -3.62 -3.47 -3.18
CA GLN C 184 -2.70 -2.85 -4.14
C GLN C 184 -1.84 -1.74 -3.50
N PRO C 185 -0.87 -2.08 -2.60
CA PRO C 185 -0.05 -1.03 -1.99
C PRO C 185 0.92 -0.31 -2.94
N GLU C 186 1.33 -0.99 -4.03
CA GLU C 186 2.23 -0.42 -5.04
C GLU C 186 1.54 0.67 -5.89
N ASN C 187 0.19 0.59 -6.00
CA ASN C 187 -0.63 1.54 -6.76
C ASN C 187 -1.49 2.38 -5.79
N PRO C 188 -1.00 3.57 -5.33
CA PRO C 188 -1.79 4.38 -4.39
C PRO C 188 -2.98 5.08 -5.04
N GLN C 189 -3.03 5.07 -6.38
CA GLN C 189 -4.10 5.66 -7.18
C GLN C 189 -5.32 4.75 -7.30
N HIS C 190 -5.18 3.47 -6.94
CA HIS C 190 -6.21 2.44 -7.08
C HIS C 190 -7.60 2.87 -6.60
N PHE C 191 -7.73 3.44 -5.38
CA PHE C 191 -9.03 3.86 -4.86
C PHE C 191 -9.70 4.89 -5.78
N ALA C 192 -8.94 5.92 -6.20
CA ALA C 192 -9.41 6.96 -7.12
C ALA C 192 -9.86 6.36 -8.44
N CYS C 193 -9.10 5.38 -9.00
CA CYS C 193 -9.41 4.66 -10.23
C CYS C 193 -10.75 3.95 -10.14
N LEU C 194 -11.03 3.23 -9.01
CA LEU C 194 -12.30 2.54 -8.77
C LEU C 194 -13.45 3.56 -8.77
N LEU C 195 -13.27 4.70 -8.09
CA LEU C 195 -14.28 5.75 -8.01
C LEU C 195 -14.56 6.38 -9.36
N GLY C 196 -13.56 6.35 -10.26
CA GLY C 196 -13.69 6.82 -11.64
C GLY C 196 -14.72 6.00 -12.40
N ARG C 197 -14.87 4.69 -12.06
CA ARG C 197 -15.84 3.74 -12.67
C ARG C 197 -17.29 4.15 -12.52
N LEU C 198 -17.63 4.80 -11.40
CA LEU C 198 -18.98 5.27 -11.07
C LEU C 198 -19.52 6.24 -12.14
N THR C 199 -18.64 7.11 -12.67
CA THR C 199 -18.98 8.06 -13.74
C THR C 199 -19.18 7.28 -15.04
N GLU C 200 -18.30 6.29 -15.30
CA GLU C 200 -18.42 5.45 -16.50
C GLU C 200 -19.74 4.68 -16.46
N LEU C 201 -20.09 4.14 -15.27
CA LEU C 201 -21.34 3.41 -15.03
C LEU C 201 -22.58 4.26 -15.27
N ARG C 202 -22.53 5.56 -14.90
CA ARG C 202 -23.66 6.47 -15.08
C ARG C 202 -24.05 6.60 -16.55
N THR C 203 -23.06 6.58 -17.46
CA THR C 203 -23.32 6.72 -18.90
C THR C 203 -24.22 5.60 -19.43
N PHE C 204 -23.97 4.34 -19.01
CA PHE C 204 -24.81 3.20 -19.39
C PHE C 204 -26.24 3.39 -18.97
N ASN C 205 -26.44 3.92 -17.76
CA ASN C 205 -27.75 4.20 -17.20
C ASN C 205 -28.49 5.26 -18.04
N HIS C 206 -27.75 6.22 -18.63
CA HIS C 206 -28.33 7.28 -19.46
C HIS C 206 -28.93 6.74 -20.76
N HIS C 207 -28.30 5.69 -21.32
CA HIS C 207 -28.71 5.06 -22.57
C HIS C 207 -29.32 3.65 -22.43
N HIS C 208 -29.69 3.21 -21.21
CA HIS C 208 -30.24 1.86 -20.98
C HIS C 208 -31.50 1.58 -21.81
N ALA C 209 -32.50 2.49 -21.82
CA ALA C 209 -33.75 2.32 -22.56
C ALA C 209 -33.51 2.18 -24.07
N GLU C 210 -32.61 3.01 -24.65
CA GLU C 210 -32.27 2.96 -26.08
C GLU C 210 -31.51 1.69 -26.41
N MET C 211 -30.63 1.23 -25.49
CA MET C 211 -29.84 0.00 -25.60
C MET C 211 -30.77 -1.21 -25.72
N LEU C 212 -31.84 -1.24 -24.92
CA LEU C 212 -32.84 -2.28 -24.91
C LEU C 212 -33.73 -2.23 -26.14
N MET C 213 -34.22 -1.03 -26.50
CA MET C 213 -35.15 -0.89 -27.64
C MET C 213 -34.46 -1.00 -29.01
N SER C 214 -33.11 -0.96 -29.08
CA SER C 214 -32.37 -1.13 -30.34
C SER C 214 -31.87 -2.58 -30.52
N TRP C 215 -32.21 -3.48 -29.57
CA TRP C 215 -31.88 -4.92 -29.62
C TRP C 215 -32.57 -5.45 -30.88
N ARG C 216 -31.86 -6.25 -31.70
CA ARG C 216 -32.39 -6.78 -32.97
C ARG C 216 -33.52 -7.80 -32.76
N VAL C 217 -34.68 -7.30 -32.36
CA VAL C 217 -35.92 -8.05 -32.11
C VAL C 217 -37.10 -7.25 -32.61
N ASN C 218 -38.12 -7.95 -33.10
CA ASN C 218 -39.32 -7.31 -33.56
C ASN C 218 -40.17 -6.82 -32.39
N ASP C 219 -40.19 -7.60 -31.30
CA ASP C 219 -40.94 -7.29 -30.09
C ASP C 219 -40.04 -7.23 -28.86
N HIS C 220 -40.25 -6.22 -28.02
CA HIS C 220 -39.47 -5.98 -26.80
C HIS C 220 -40.37 -6.17 -25.59
N LYS C 221 -40.49 -7.44 -25.12
CA LYS C 221 -41.34 -7.81 -24.00
C LYS C 221 -40.55 -7.72 -22.71
N PHE C 222 -41.13 -7.03 -21.71
CA PHE C 222 -40.54 -6.79 -20.41
C PHE C 222 -41.47 -7.21 -19.27
N THR C 223 -40.90 -7.83 -18.22
CA THR C 223 -41.64 -8.29 -17.04
C THR C 223 -42.18 -7.06 -16.27
N PRO C 224 -43.34 -7.11 -15.56
CA PRO C 224 -43.81 -5.93 -14.82
C PRO C 224 -42.79 -5.32 -13.85
N LEU C 225 -41.90 -6.14 -13.26
CA LEU C 225 -40.87 -5.65 -12.36
C LEU C 225 -39.81 -4.86 -13.14
N LEU C 226 -39.47 -5.31 -14.37
CA LEU C 226 -38.52 -4.63 -15.23
C LEU C 226 -39.05 -3.28 -15.71
N CYS C 227 -40.36 -3.16 -16.02
CA CYS C 227 -40.96 -1.88 -16.42
C CYS C 227 -40.86 -0.81 -15.32
N GLU C 228 -40.88 -1.22 -14.04
CA GLU C 228 -40.78 -0.32 -12.89
C GLU C 228 -39.35 0.20 -12.71
N ILE C 229 -38.36 -0.64 -13.02
CA ILE C 229 -36.93 -0.35 -12.83
C ILE C 229 -36.27 0.28 -14.08
N TRP C 230 -36.71 -0.10 -15.26
CA TRP C 230 -36.21 0.41 -16.53
C TRP C 230 -37.23 1.37 -17.11
N ASP C 231 -36.78 2.34 -17.92
CA ASP C 231 -37.73 3.29 -18.49
C ASP C 231 -38.30 2.77 -19.83
N VAL C 232 -38.98 1.60 -19.73
CA VAL C 232 -39.58 0.84 -20.84
C VAL C 232 -41.08 0.53 -20.63
N GLN C 233 -41.82 0.37 -21.76
CA GLN C 233 -43.27 0.10 -21.87
C GLN C 233 -44.13 1.09 -21.10
N HIS D 3 -44.57 2.42 -8.14
CA HIS D 3 -43.64 1.32 -7.96
C HIS D 3 -44.07 0.34 -6.85
N GLN D 4 -45.28 -0.23 -7.01
CA GLN D 4 -45.89 -1.16 -6.05
C GLN D 4 -45.09 -2.44 -5.83
N LEU D 5 -44.47 -3.01 -6.88
CA LEU D 5 -43.63 -4.22 -6.80
C LEU D 5 -42.36 -3.95 -6.01
N LEU D 6 -41.70 -2.81 -6.28
CA LEU D 6 -40.51 -2.36 -5.59
C LEU D 6 -40.85 -2.12 -4.11
N ARG D 7 -41.99 -1.44 -3.84
CA ARG D 7 -42.50 -1.19 -2.47
C ARG D 7 -42.74 -2.51 -1.74
N TYR D 8 -43.25 -3.53 -2.46
CA TYR D 8 -43.49 -4.85 -1.92
C TYR D 8 -42.18 -5.56 -1.56
N LEU D 9 -41.20 -5.61 -2.51
CA LEU D 9 -39.91 -6.27 -2.25
C LEU D 9 -39.14 -5.60 -1.10
N LEU D 10 -39.32 -4.29 -0.94
CA LEU D 10 -38.70 -3.47 0.09
C LEU D 10 -39.29 -3.70 1.47
N ASP D 11 -40.65 -3.76 1.57
CA ASP D 11 -41.40 -3.90 2.84
C ASP D 11 -41.61 -5.34 3.31
N LYS D 12 -41.06 -6.32 2.56
CA LYS D 12 -41.08 -7.76 2.85
C LYS D 12 -40.23 -8.07 4.12
N ASP D 13 -40.50 -9.25 4.73
CA ASP D 13 -39.76 -9.75 5.90
C ASP D 13 -39.08 -11.07 5.58
#